data_4NIR
#
_entry.id   4NIR
#
_cell.length_a   98.338
_cell.length_b   98.338
_cell.length_c   263.415
_cell.angle_alpha   90.000
_cell.angle_beta   90.000
_cell.angle_gamma   120.000
#
_symmetry.space_group_name_H-M   'P 62 2 2'
#
loop_
_entity.id
_entity.type
_entity.pdbx_description
1 polymer 'Dihydropteroate Synthase'
2 non-polymer 'SULFATE ION'
3 non-polymer 3-[6-(trifluoromethyl)-1H-benzimidazol-2-yl]propan-1-ol
4 water water
#
_entity_poly.entity_id   1
_entity_poly.type   'polypeptide(L)'
_entity_poly.pdbx_seq_one_letter_code
;MGSSHHHHHHSSGLVPRGSHMKWDYDLRCGEYTLNLNEKTLIMGILNVTPDSFSDGGSYNEVDAAVRHAKEMRDEGAHII
DIGGESTRPGFAKVSVEEEIKRVVPMIQAVSKEVKLPISIDTYKAEVAKQAIEAGAHIINDIWGAKAEPKIAEVAAHYDV
PIILMHNRDNMNYRNLMADMIADLYDSIKIAKDAGVRDENIILDPGIGFAKTPEQNLEAMRNLEQLNVLGYPVLLGTSRK
SFIGHVLDLPVEERLEGTGATVCLGIEKGCEFVRVHDVKEMSRMAKMMDAMIGKGVK
;
_entity_poly.pdbx_strand_id   A,B
#
loop_
_chem_comp.id
_chem_comp.type
_chem_comp.name
_chem_comp.formula
6DH non-polymer 3-[6-(trifluoromethyl)-1H-benzimidazol-2-yl]propan-1-ol 'C11 H11 F3 N2 O'
SO4 non-polymer 'SULFATE ION' 'O4 S -2'
#
# COMPACT_ATOMS: atom_id res chain seq x y z
N MET A 21 23.68 6.66 33.93
CA MET A 21 24.75 7.62 33.64
C MET A 21 25.89 6.95 32.88
N LYS A 22 25.62 5.77 32.33
CA LYS A 22 26.62 5.07 31.52
C LYS A 22 26.99 5.88 30.29
N TRP A 23 25.98 6.47 29.64
CA TRP A 23 26.23 7.25 28.43
C TRP A 23 25.94 8.72 28.67
N ASP A 24 26.88 9.58 28.29
CA ASP A 24 26.72 11.02 28.52
C ASP A 24 26.24 11.72 27.25
N TYR A 25 25.74 10.94 26.31
CA TYR A 25 25.12 11.50 25.11
C TYR A 25 23.94 10.62 24.71
N ASP A 26 23.02 11.21 23.93
CA ASP A 26 21.94 10.46 23.30
C ASP A 26 22.32 10.18 21.85
N LEU A 27 21.73 9.14 21.27
CA LEU A 27 21.95 8.82 19.88
C LEU A 27 21.07 9.73 19.04
N ARG A 28 21.69 10.64 18.30
CA ARG A 28 20.95 11.60 17.50
C ARG A 28 20.59 10.99 16.13
N CYS A 29 19.29 10.92 15.83
CA CYS A 29 18.83 10.30 14.59
C CYS A 29 17.93 11.23 13.78
N GLY A 30 18.44 12.41 13.45
CA GLY A 30 17.64 13.36 12.69
C GLY A 30 16.53 13.91 13.56
N GLU A 31 15.29 13.72 13.14
CA GLU A 31 14.15 14.19 13.93
C GLU A 31 13.92 13.31 15.15
N TYR A 32 14.61 12.18 15.23
CA TYR A 32 14.45 11.30 16.40
C TYR A 32 15.71 11.31 17.24
N THR A 33 15.53 11.06 18.54
CA THR A 33 16.65 10.97 19.46
C THR A 33 16.43 9.74 20.32
N LEU A 34 17.45 8.89 20.41
CA LEU A 34 17.36 7.69 21.24
C LEU A 34 18.20 7.81 22.50
N ASN A 35 17.54 7.71 23.65
CA ASN A 35 18.24 7.71 24.92
C ASN A 35 18.87 6.35 25.16
N LEU A 36 20.14 6.32 25.53
CA LEU A 36 20.87 5.06 25.66
C LEU A 36 20.86 4.53 27.09
N ASN A 37 20.29 5.31 28.00
CA ASN A 37 20.36 4.98 29.43
C ASN A 37 19.08 4.41 30.02
N GLU A 38 17.94 4.84 29.49
CA GLU A 38 16.68 4.56 30.18
C GLU A 38 16.04 3.18 29.94
N LYS A 39 16.24 2.63 28.75
CA LYS A 39 15.70 1.30 28.44
C LYS A 39 16.53 0.65 27.37
N THR A 40 16.47 -0.68 27.29
CA THR A 40 17.09 -1.38 26.17
C THR A 40 16.28 -1.06 24.92
N LEU A 41 16.97 -0.64 23.86
CA LEU A 41 16.28 -0.23 22.63
C LEU A 41 15.98 -1.44 21.76
N ILE A 42 14.76 -1.51 21.24
CA ILE A 42 14.33 -2.68 20.49
C ILE A 42 14.35 -2.33 19.01
N MET A 43 15.15 -3.04 18.23
CA MET A 43 15.19 -2.85 16.79
C MET A 43 14.43 -3.99 16.12
N GLY A 44 13.32 -3.66 15.46
CA GLY A 44 12.49 -4.67 14.83
C GLY A 44 12.98 -4.98 13.43
N ILE A 45 13.05 -6.27 13.12
CA ILE A 45 13.55 -6.71 11.82
C ILE A 45 12.46 -6.72 10.74
N LEU A 46 12.70 -5.98 9.66
CA LEU A 46 11.80 -5.98 8.50
C LEU A 46 12.58 -6.45 7.27
N ASN A 47 12.32 -7.67 6.83
CA ASN A 47 12.90 -8.15 5.57
C ASN A 47 11.91 -7.95 4.42
N VAL A 48 12.42 -7.51 3.27
CA VAL A 48 11.60 -7.36 2.09
C VAL A 48 10.92 -8.69 1.71
N THR A 49 9.67 -8.60 1.30
CA THR A 49 9.00 -9.75 0.68
C THR A 49 8.84 -9.43 -0.79
N PRO A 50 9.84 -9.82 -1.60
CA PRO A 50 9.89 -9.41 -3.01
C PRO A 50 8.69 -9.92 -3.81
N ASP A 51 8.07 -9.04 -4.59
CA ASP A 51 7.10 -9.47 -5.57
C ASP A 51 7.87 -10.19 -6.67
N SER A 52 7.32 -11.31 -7.15
CA SER A 52 8.02 -12.12 -8.15
C SER A 52 8.09 -11.48 -9.52
N PHE A 53 7.14 -10.58 -9.80
CA PHE A 53 7.01 -10.03 -11.13
C PHE A 53 7.55 -8.61 -11.32
N SER A 54 8.08 -8.01 -10.26
CA SER A 54 8.65 -6.67 -10.35
C SER A 54 9.97 -6.53 -9.61
N ASP A 55 10.67 -5.43 -9.88
CA ASP A 55 11.97 -5.16 -9.27
C ASP A 55 11.83 -4.39 -7.97
N GLY A 56 10.64 -3.87 -7.71
CA GLY A 56 10.39 -3.17 -6.46
C GLY A 56 9.29 -2.13 -6.59
N GLY A 57 8.81 -1.64 -5.45
CA GLY A 57 7.89 -0.52 -5.45
C GLY A 57 6.43 -0.88 -5.61
N SER A 58 6.12 -2.16 -5.84
CA SER A 58 4.75 -2.59 -6.11
CA SER A 58 4.75 -2.56 -6.12
C SER A 58 3.90 -2.48 -4.85
N TYR A 59 2.59 -2.32 -5.03
CA TYR A 59 1.71 -2.18 -3.87
C TYR A 59 1.81 -3.32 -2.85
N ASN A 60 1.64 -4.56 -3.29
CA ASN A 60 1.65 -5.68 -2.36
C ASN A 60 2.95 -5.77 -1.55
N GLU A 61 4.07 -5.56 -2.23
CA GLU A 61 5.38 -5.64 -1.60
C GLU A 61 5.56 -4.52 -0.56
N VAL A 62 5.27 -3.28 -0.96
CA VAL A 62 5.47 -2.16 -0.05
C VAL A 62 4.41 -2.11 1.05
N ASP A 63 3.17 -2.44 0.72
CA ASP A 63 2.09 -2.48 1.70
C ASP A 63 2.41 -3.49 2.80
N ALA A 64 2.95 -4.64 2.40
CA ALA A 64 3.39 -5.64 3.37
C ALA A 64 4.41 -5.06 4.35
N ALA A 65 5.40 -4.36 3.82
CA ALA A 65 6.44 -3.76 4.67
C ALA A 65 5.83 -2.73 5.61
N VAL A 66 5.00 -1.83 5.08
CA VAL A 66 4.37 -0.83 5.93
C VAL A 66 3.53 -1.46 7.04
N ARG A 67 2.72 -2.46 6.71
CA ARG A 67 1.86 -3.10 7.70
C ARG A 67 2.69 -3.74 8.79
N HIS A 68 3.79 -4.35 8.39
CA HIS A 68 4.68 -5.02 9.34
C HIS A 68 5.37 -3.99 10.24
N ALA A 69 5.83 -2.88 9.65
CA ALA A 69 6.48 -1.82 10.44
C ALA A 69 5.51 -1.22 11.48
N LYS A 70 4.26 -1.05 11.09
CA LYS A 70 3.24 -0.53 12.01
C LYS A 70 2.97 -1.48 13.17
N GLU A 71 2.90 -2.77 12.87
CA GLU A 71 2.72 -3.78 13.90
C GLU A 71 3.89 -3.75 14.87
N MET A 72 5.11 -3.73 14.34
CA MET A 72 6.27 -3.71 15.23
C MET A 72 6.31 -2.44 16.09
N ARG A 73 5.94 -1.30 15.51
CA ARG A 73 5.79 -0.06 16.26
C ARG A 73 4.80 -0.23 17.41
N ASP A 74 3.64 -0.81 17.11
CA ASP A 74 2.59 -1.00 18.11
C ASP A 74 3.01 -1.99 19.20
N GLU A 75 3.99 -2.84 18.88
CA GLU A 75 4.42 -3.89 19.80
C GLU A 75 5.64 -3.51 20.63
N GLY A 76 6.19 -2.32 20.39
CA GLY A 76 7.26 -1.82 21.23
C GLY A 76 8.62 -1.57 20.58
N ALA A 77 8.66 -1.58 19.25
CA ALA A 77 9.93 -1.34 18.56
C ALA A 77 10.30 0.13 18.64
N HIS A 78 11.60 0.39 18.79
CA HIS A 78 12.11 1.77 18.81
C HIS A 78 12.80 2.12 17.49
N ILE A 79 13.20 1.12 16.73
CA ILE A 79 13.87 1.30 15.44
C ILE A 79 13.33 0.23 14.52
N ILE A 80 13.16 0.57 13.23
CA ILE A 80 12.77 -0.42 12.23
C ILE A 80 13.96 -0.63 11.30
N ASP A 81 14.45 -1.87 11.22
CA ASP A 81 15.62 -2.21 10.41
C ASP A 81 15.17 -2.78 9.09
N ILE A 82 15.52 -2.12 7.99
CA ILE A 82 15.00 -2.52 6.69
C ILE A 82 16.09 -3.16 5.85
N GLY A 83 15.84 -4.37 5.37
CA GLY A 83 16.84 -5.11 4.61
C GLY A 83 16.31 -5.57 3.27
N GLY A 84 17.09 -5.32 2.21
CA GLY A 84 16.73 -5.78 0.88
C GLY A 84 17.21 -7.20 0.63
N GLU A 85 17.29 -7.58 -0.64
CA GLU A 85 17.61 -8.97 -0.99
C GLU A 85 19.05 -9.41 -0.73
N SER A 86 20.01 -8.48 -0.82
CA SER A 86 21.43 -8.87 -0.76
C SER A 86 21.93 -9.06 0.67
N THR A 87 21.11 -8.70 1.65
CA THR A 87 21.50 -8.85 3.05
C THR A 87 20.93 -10.15 3.64
N ARG A 88 21.19 -10.36 4.92
CA ARG A 88 20.65 -11.50 5.65
C ARG A 88 19.12 -11.48 5.62
N PRO A 89 18.48 -12.66 5.61
CA PRO A 89 19.09 -14.00 5.69
C PRO A 89 19.39 -14.62 4.34
N GLY A 90 18.95 -13.98 3.25
CA GLY A 90 19.03 -14.58 1.93
C GLY A 90 20.36 -14.45 1.20
N PHE A 91 21.02 -13.30 1.34
CA PHE A 91 22.29 -13.02 0.66
C PHE A 91 22.23 -13.23 -0.86
N ALA A 92 21.21 -12.68 -1.50
CA ALA A 92 21.11 -12.79 -2.95
C ALA A 92 22.18 -11.93 -3.65
N LYS A 93 22.65 -12.40 -4.79
CA LYS A 93 23.53 -11.60 -5.62
C LYS A 93 22.66 -10.69 -6.47
N VAL A 94 22.73 -9.39 -6.19
CA VAL A 94 21.86 -8.43 -6.84
C VAL A 94 22.63 -7.12 -7.01
N SER A 95 22.48 -6.43 -8.13
CA SER A 95 23.24 -5.20 -8.37
C SER A 95 22.75 -4.09 -7.45
N VAL A 96 23.58 -3.07 -7.22
CA VAL A 96 23.12 -1.95 -6.40
C VAL A 96 21.93 -1.30 -7.12
N GLU A 97 21.97 -1.31 -8.45
CA GLU A 97 20.90 -0.76 -9.26
C GLU A 97 19.58 -1.48 -8.99
N GLU A 98 19.62 -2.81 -8.97
CA GLU A 98 18.41 -3.58 -8.66
C GLU A 98 18.02 -3.37 -7.21
N GLU A 99 19.01 -3.36 -6.32
CA GLU A 99 18.77 -3.26 -4.90
C GLU A 99 18.09 -1.96 -4.52
N ILE A 100 18.44 -0.89 -5.23
CA ILE A 100 17.86 0.43 -4.97
C ILE A 100 16.39 0.51 -5.36
N LYS A 101 16.02 -0.16 -6.45
CA LYS A 101 14.63 -0.19 -6.91
C LYS A 101 13.72 -0.82 -5.86
N ARG A 102 14.29 -1.68 -5.04
CA ARG A 102 13.53 -2.46 -4.07
C ARG A 102 13.52 -1.80 -2.70
N VAL A 103 14.68 -1.37 -2.24
CA VAL A 103 14.85 -0.83 -0.91
C VAL A 103 14.33 0.61 -0.73
N VAL A 104 14.56 1.46 -1.71
CA VAL A 104 14.16 2.87 -1.61
C VAL A 104 12.63 3.05 -1.44
N PRO A 105 11.81 2.34 -2.24
CA PRO A 105 10.37 2.51 -2.03
C PRO A 105 9.90 2.08 -0.64
N MET A 106 10.55 1.07 -0.06
CA MET A 106 10.21 0.65 1.30
C MET A 106 10.55 1.72 2.33
N ILE A 107 11.73 2.30 2.20
CA ILE A 107 12.17 3.34 3.12
C ILE A 107 11.27 4.57 2.99
N GLN A 108 10.96 4.97 1.77
CA GLN A 108 10.06 6.10 1.57
C GLN A 108 8.71 5.90 2.25
N ALA A 109 8.10 4.74 2.02
CA ALA A 109 6.78 4.49 2.59
C ALA A 109 6.82 4.29 4.10
N VAL A 110 7.79 3.53 4.59
CA VAL A 110 7.87 3.30 6.03
C VAL A 110 8.20 4.61 6.77
N SER A 111 9.12 5.40 6.24
CA SER A 111 9.50 6.65 6.95
C SER A 111 8.34 7.64 7.00
N LYS A 112 7.49 7.62 5.98
CA LYS A 112 6.34 8.51 5.93
C LYS A 112 5.23 8.06 6.88
N GLU A 113 5.02 6.76 6.98
CA GLU A 113 3.83 6.24 7.66
C GLU A 113 4.12 5.76 9.08
N VAL A 114 5.39 5.53 9.41
CA VAL A 114 5.77 5.04 10.73
C VAL A 114 6.77 5.96 11.43
N LYS A 115 6.37 6.55 12.54
CA LYS A 115 7.18 7.56 13.21
C LYS A 115 8.23 6.96 14.13
N LEU A 116 9.23 6.32 13.52
CA LEU A 116 10.37 5.74 14.23
C LEU A 116 11.58 5.91 13.34
N PRO A 117 12.78 5.94 13.95
CA PRO A 117 13.99 5.91 13.14
C PRO A 117 14.13 4.59 12.38
N ILE A 118 14.70 4.68 11.19
CA ILE A 118 14.85 3.54 10.30
C ILE A 118 16.33 3.26 10.12
N SER A 119 16.72 1.99 10.25
CA SER A 119 18.08 1.62 9.90
C SER A 119 18.07 0.88 8.58
N ILE A 120 19.09 1.10 7.77
CA ILE A 120 19.24 0.36 6.51
C ILE A 120 20.28 -0.74 6.70
N ASP A 121 19.86 -1.99 6.51
CA ASP A 121 20.76 -3.12 6.72
C ASP A 121 21.46 -3.42 5.39
N THR A 122 22.60 -2.79 5.17
CA THR A 122 23.36 -2.99 3.95
C THR A 122 24.84 -2.86 4.23
N TYR A 123 25.66 -3.56 3.45
CA TYR A 123 27.12 -3.37 3.51
C TYR A 123 27.61 -2.57 2.30
N LYS A 124 26.69 -2.13 1.46
CA LYS A 124 27.06 -1.46 0.20
C LYS A 124 26.94 0.04 0.32
N ALA A 125 28.01 0.76 -0.02
CA ALA A 125 28.05 2.21 0.20
C ALA A 125 26.96 2.95 -0.57
N GLU A 126 26.75 2.56 -1.82
CA GLU A 126 25.78 3.28 -2.66
C GLU A 126 24.35 3.02 -2.20
N VAL A 127 24.09 1.81 -1.74
CA VAL A 127 22.77 1.50 -1.16
C VAL A 127 22.55 2.34 0.08
N ALA A 128 23.56 2.41 0.94
CA ALA A 128 23.45 3.18 2.17
C ALA A 128 23.15 4.64 1.85
N LYS A 129 23.88 5.20 0.90
CA LYS A 129 23.71 6.59 0.49
C LYS A 129 22.27 6.87 0.03
N GLN A 130 21.79 6.06 -0.91
CA GLN A 130 20.45 6.25 -1.42
C GLN A 130 19.38 6.00 -0.37
N ALA A 131 19.66 5.10 0.57
CA ALA A 131 18.72 4.80 1.64
C ALA A 131 18.56 5.98 2.57
N ILE A 132 19.67 6.62 2.89
CA ILE A 132 19.66 7.79 3.76
C ILE A 132 18.92 8.92 3.05
N GLU A 133 19.21 9.08 1.77
CA GLU A 133 18.50 10.07 0.95
C GLU A 133 17.00 9.80 0.90
N ALA A 134 16.61 8.53 1.01
CA ALA A 134 15.20 8.16 0.96
C ALA A 134 14.53 8.30 2.33
N GLY A 135 15.34 8.49 3.36
CA GLY A 135 14.80 8.75 4.68
C GLY A 135 15.31 7.90 5.83
N ALA A 136 16.29 7.04 5.56
CA ALA A 136 16.84 6.20 6.63
C ALA A 136 17.72 7.04 7.56
N HIS A 137 17.86 6.59 8.81
CA HIS A 137 18.54 7.38 9.84
C HIS A 137 19.83 6.73 10.33
N ILE A 138 19.94 5.42 10.15
CA ILE A 138 21.04 4.65 10.73
C ILE A 138 21.54 3.66 9.70
N ILE A 139 22.86 3.43 9.63
CA ILE A 139 23.39 2.40 8.74
C ILE A 139 23.74 1.20 9.60
N ASN A 140 23.33 0.02 9.16
CA ASN A 140 23.59 -1.24 9.86
C ASN A 140 24.41 -2.11 8.92
N ASP A 141 25.71 -2.25 9.20
CA ASP A 141 26.62 -2.92 8.26
C ASP A 141 27.13 -4.26 8.77
N ILE A 142 26.64 -5.36 8.19
CA ILE A 142 27.10 -6.68 8.61
C ILE A 142 28.57 -6.94 8.34
N TRP A 143 29.19 -6.13 7.49
CA TRP A 143 30.64 -6.29 7.27
C TRP A 143 31.49 -5.24 7.97
N GLY A 144 30.87 -4.39 8.78
CA GLY A 144 31.62 -3.46 9.61
C GLY A 144 32.59 -2.58 8.84
N ALA A 145 32.13 -2.09 7.70
CA ALA A 145 32.89 -1.20 6.82
C ALA A 145 34.10 -1.86 6.15
N LYS A 146 34.18 -3.18 6.21
CA LYS A 146 35.31 -3.89 5.60
C LYS A 146 35.04 -4.35 4.17
N ALA A 147 33.78 -4.64 3.84
CA ALA A 147 33.44 -5.07 2.48
C ALA A 147 33.49 -3.89 1.52
N GLU A 148 32.89 -2.79 1.93
CA GLU A 148 32.94 -1.54 1.15
C GLU A 148 33.26 -0.36 2.06
N PRO A 149 34.55 -0.05 2.24
CA PRO A 149 34.93 0.98 3.22
C PRO A 149 34.33 2.36 2.93
N LYS A 150 33.94 2.62 1.69
CA LYS A 150 33.28 3.88 1.37
C LYS A 150 31.97 4.07 2.13
N ILE A 151 31.41 2.98 2.67
CA ILE A 151 30.20 3.10 3.47
C ILE A 151 30.46 3.99 4.69
N ALA A 152 31.70 3.99 5.18
CA ALA A 152 32.07 4.84 6.31
C ALA A 152 32.15 6.31 5.89
N GLU A 153 32.57 6.57 4.65
CA GLU A 153 32.52 7.93 4.10
C GLU A 153 31.08 8.44 3.99
N VAL A 154 30.17 7.54 3.61
CA VAL A 154 28.75 7.88 3.54
C VAL A 154 28.24 8.21 4.93
N ALA A 155 28.55 7.36 5.90
CA ALA A 155 28.14 7.57 7.28
C ALA A 155 28.65 8.92 7.80
N ALA A 156 29.93 9.19 7.55
CA ALA A 156 30.55 10.42 8.06
C ALA A 156 29.91 11.65 7.44
N HIS A 157 29.73 11.59 6.13
CA HIS A 157 29.16 12.73 5.43
C HIS A 157 27.77 13.10 5.92
N TYR A 158 26.91 12.10 6.12
CA TYR A 158 25.53 12.35 6.53
C TYR A 158 25.39 12.45 8.04
N ASP A 159 26.49 12.18 8.75
CA ASP A 159 26.53 12.32 10.20
C ASP A 159 25.49 11.42 10.87
N VAL A 160 25.34 10.21 10.34
CA VAL A 160 24.40 9.24 10.89
C VAL A 160 25.10 8.17 11.71
N PRO A 161 24.37 7.55 12.65
CA PRO A 161 24.94 6.42 13.38
C PRO A 161 25.23 5.25 12.45
N ILE A 162 26.32 4.54 12.70
CA ILE A 162 26.60 3.32 11.95
C ILE A 162 26.91 2.18 12.89
N ILE A 163 26.27 1.03 12.65
CA ILE A 163 26.48 -0.16 13.44
C ILE A 163 27.52 -1.02 12.72
N LEU A 164 28.63 -1.28 13.39
CA LEU A 164 29.71 -2.04 12.79
C LEU A 164 29.66 -3.44 13.40
N MET A 165 29.32 -4.42 12.59
CA MET A 165 29.18 -5.79 13.10
C MET A 165 30.46 -6.58 12.96
N HIS A 166 30.77 -7.41 13.95
CA HIS A 166 31.88 -8.31 13.79
C HIS A 166 31.57 -9.37 12.73
N ASN A 167 32.53 -9.58 11.82
CA ASN A 167 32.36 -10.57 10.77
C ASN A 167 33.73 -10.85 10.16
N ARG A 168 33.87 -12.01 9.52
CA ARG A 168 35.12 -12.43 8.89
C ARG A 168 34.78 -13.33 7.73
N ASP A 169 35.72 -13.49 6.80
CA ASP A 169 35.50 -14.45 5.73
C ASP A 169 36.13 -15.80 6.09
N ASN A 170 36.31 -16.03 7.40
CA ASN A 170 36.89 -17.28 7.91
C ASN A 170 36.58 -17.49 9.40
N MET A 171 36.70 -18.73 9.88
CA MET A 171 36.46 -19.01 11.29
C MET A 171 37.73 -19.46 11.98
N ASN A 172 38.87 -19.15 11.35
CA ASN A 172 40.15 -19.50 11.94
C ASN A 172 40.59 -18.50 13.00
N TYR A 173 40.14 -18.72 14.23
CA TYR A 173 40.48 -17.82 15.32
C TYR A 173 41.65 -18.39 16.09
N ARG A 174 42.47 -17.51 16.63
CA ARG A 174 43.52 -17.91 17.56
C ARG A 174 42.94 -17.90 18.96
N ASN A 175 42.18 -16.85 19.25
CA ASN A 175 41.50 -16.70 20.51
C ASN A 175 40.25 -15.87 20.27
N LEU A 176 39.09 -16.51 20.32
CA LEU A 176 37.84 -15.89 19.86
C LEU A 176 37.60 -14.46 20.33
N MET A 177 37.53 -14.26 21.64
CA MET A 177 37.16 -12.94 22.14
C MET A 177 38.21 -11.89 21.83
N ALA A 178 39.48 -12.25 22.00
CA ALA A 178 40.55 -11.32 21.70
C ALA A 178 40.55 -10.97 20.22
N ASP A 179 40.31 -11.95 19.36
CA ASP A 179 40.22 -11.70 17.93
C ASP A 179 39.01 -10.84 17.56
N MET A 180 37.86 -11.09 18.20
N MET A 180 37.89 -11.09 18.22
CA MET A 180 36.68 -10.28 17.91
CA MET A 180 36.67 -10.32 17.98
C MET A 180 36.93 -8.81 18.24
C MET A 180 36.89 -8.84 18.27
N ILE A 181 37.54 -8.57 19.40
CA ILE A 181 37.80 -7.20 19.81
C ILE A 181 38.78 -6.52 18.85
N ALA A 182 39.82 -7.24 18.45
CA ALA A 182 40.78 -6.72 17.48
C ALA A 182 40.11 -6.42 16.13
N ASP A 183 39.26 -7.34 15.68
CA ASP A 183 38.53 -7.13 14.43
C ASP A 183 37.59 -5.93 14.52
N LEU A 184 36.88 -5.81 15.63
CA LEU A 184 35.99 -4.67 15.82
C LEU A 184 36.79 -3.37 15.84
N TYR A 185 37.99 -3.40 16.40
CA TYR A 185 38.79 -2.20 16.38
CA TYR A 185 38.83 -2.22 16.36
C TYR A 185 39.22 -1.82 14.95
N ASP A 186 39.50 -2.83 14.13
CA ASP A 186 39.87 -2.54 12.75
C ASP A 186 38.69 -1.81 12.08
N SER A 187 37.47 -2.18 12.44
CA SER A 187 36.28 -1.51 11.90
C SER A 187 36.16 -0.09 12.41
N ILE A 188 36.34 0.08 13.72
CA ILE A 188 36.34 1.41 14.33
C ILE A 188 37.36 2.34 13.67
N LYS A 189 38.58 1.86 13.46
CA LYS A 189 39.62 2.63 12.79
C LYS A 189 39.20 3.08 11.38
N ILE A 190 38.62 2.16 10.60
CA ILE A 190 38.12 2.51 9.27
C ILE A 190 37.09 3.64 9.38
N ALA A 191 36.13 3.49 10.30
CA ALA A 191 35.09 4.49 10.48
C ALA A 191 35.66 5.84 10.91
N LYS A 192 36.54 5.84 11.91
CA LYS A 192 37.09 7.10 12.39
C LYS A 192 38.00 7.78 11.37
N ASP A 193 38.75 6.98 10.61
CA ASP A 193 39.61 7.56 9.59
C ASP A 193 38.77 8.26 8.52
N ALA A 194 37.55 7.77 8.32
CA ALA A 194 36.65 8.35 7.32
C ALA A 194 35.95 9.57 7.87
N GLY A 195 36.05 9.80 9.17
CA GLY A 195 35.45 10.96 9.79
C GLY A 195 34.22 10.70 10.63
N VAL A 196 33.91 9.43 10.88
CA VAL A 196 32.78 9.10 11.73
C VAL A 196 33.10 9.48 13.18
N ARG A 197 32.19 10.22 13.81
CA ARG A 197 32.38 10.65 15.20
C ARG A 197 32.12 9.50 16.15
N ASP A 198 32.79 9.51 17.31
CA ASP A 198 32.61 8.43 18.29
C ASP A 198 31.15 8.23 18.66
N GLU A 199 30.40 9.33 18.79
CA GLU A 199 28.99 9.22 19.19
C GLU A 199 28.10 8.57 18.14
N ASN A 200 28.65 8.38 16.95
CA ASN A 200 27.89 7.72 15.88
C ASN A 200 28.34 6.29 15.64
N ILE A 201 29.14 5.72 16.54
CA ILE A 201 29.57 4.34 16.38
C ILE A 201 28.84 3.42 17.34
N ILE A 202 28.29 2.33 16.81
CA ILE A 202 27.68 1.25 17.59
C ILE A 202 28.33 -0.06 17.15
N LEU A 203 28.58 -0.98 18.08
CA LEU A 203 29.21 -2.25 17.73
C LEU A 203 28.23 -3.40 17.89
N ASP A 204 28.47 -4.50 17.16
CA ASP A 204 27.62 -5.69 17.19
C ASP A 204 28.57 -6.88 17.15
N PRO A 205 28.41 -7.86 18.07
CA PRO A 205 29.34 -8.99 18.12
C PRO A 205 29.18 -9.98 16.97
N GLY A 206 28.18 -9.80 16.11
CA GLY A 206 28.02 -10.71 14.99
C GLY A 206 27.79 -12.16 15.39
N ILE A 207 26.94 -12.36 16.38
CA ILE A 207 26.56 -13.73 16.74
C ILE A 207 25.92 -14.34 15.51
N GLY A 208 26.33 -15.57 15.16
CA GLY A 208 25.76 -16.25 14.02
C GLY A 208 26.50 -16.00 12.72
N PHE A 209 27.58 -15.23 12.80
CA PHE A 209 28.40 -14.95 11.63
C PHE A 209 29.84 -15.37 11.87
N ALA A 210 30.38 -16.18 10.96
CA ALA A 210 31.78 -16.59 10.97
C ALA A 210 32.18 -17.24 12.28
N LYS A 211 31.24 -17.96 12.90
CA LYS A 211 31.50 -18.64 14.16
C LYS A 211 30.84 -20.01 14.16
N THR A 212 31.51 -20.98 14.78
CA THR A 212 30.91 -22.29 15.02
C THR A 212 29.81 -22.10 16.06
N PRO A 213 28.89 -23.09 16.19
CA PRO A 213 27.87 -23.01 17.24
C PRO A 213 28.51 -22.80 18.62
N GLU A 214 29.58 -23.56 18.87
CA GLU A 214 30.31 -23.46 20.13
C GLU A 214 30.89 -22.06 20.32
N GLN A 215 31.41 -21.48 19.25
CA GLN A 215 31.96 -20.13 19.32
C GLN A 215 30.88 -19.10 19.59
N ASN A 216 29.69 -19.33 19.04
CA ASN A 216 28.59 -18.42 19.30
C ASN A 216 28.20 -18.42 20.79
N LEU A 217 28.15 -19.61 21.38
CA LEU A 217 27.92 -19.73 22.82
C LEU A 217 29.01 -19.01 23.62
N GLU A 218 30.27 -19.18 23.22
CA GLU A 218 31.39 -18.55 23.93
C GLU A 218 31.32 -17.03 23.82
N ALA A 219 30.92 -16.52 22.67
CA ALA A 219 30.77 -15.07 22.52
C ALA A 219 29.65 -14.55 23.40
N MET A 220 28.53 -15.28 23.48
CA MET A 220 27.45 -14.88 24.37
C MET A 220 27.94 -14.84 25.81
N ARG A 221 28.71 -15.85 26.21
CA ARG A 221 29.20 -16.01 27.57
C ARG A 221 30.11 -14.88 27.98
N ASN A 222 30.77 -14.28 26.99
CA ASN A 222 31.79 -13.26 27.24
C ASN A 222 31.46 -11.90 26.68
N LEU A 223 30.18 -11.69 26.35
CA LEU A 223 29.73 -10.47 25.71
C LEU A 223 30.15 -9.20 26.42
N GLU A 224 30.29 -9.25 27.74
CA GLU A 224 30.60 -8.03 28.51
C GLU A 224 31.98 -7.44 28.14
N GLN A 225 32.87 -8.27 27.57
CA GLN A 225 34.20 -7.79 27.16
C GLN A 225 34.11 -6.69 26.11
N LEU A 226 33.06 -6.71 25.29
CA LEU A 226 32.90 -5.70 24.24
C LEU A 226 32.77 -4.30 24.82
N ASN A 227 32.33 -4.21 26.05
CA ASN A 227 32.13 -2.92 26.70
C ASN A 227 33.40 -2.09 26.91
N VAL A 228 34.56 -2.74 26.98
CA VAL A 228 35.81 -1.99 27.15
C VAL A 228 36.11 -1.06 25.99
N LEU A 229 35.52 -1.30 24.83
CA LEU A 229 35.80 -0.44 23.68
C LEU A 229 35.13 0.91 23.83
N GLY A 230 34.13 0.98 24.70
CA GLY A 230 33.51 2.26 25.03
C GLY A 230 32.44 2.73 24.05
N TYR A 231 31.86 1.80 23.28
CA TYR A 231 30.77 2.14 22.37
C TYR A 231 29.52 1.35 22.73
N PRO A 232 28.36 1.90 22.40
CA PRO A 232 27.13 1.12 22.63
C PRO A 232 27.17 -0.19 21.82
N VAL A 233 26.53 -1.22 22.37
CA VAL A 233 26.55 -2.53 21.75
C VAL A 233 25.13 -2.95 21.39
N LEU A 234 24.97 -3.41 20.15
CA LEU A 234 23.70 -3.99 19.71
C LEU A 234 23.88 -5.49 19.57
N LEU A 235 22.92 -6.25 20.10
CA LEU A 235 22.98 -7.71 20.01
C LEU A 235 21.92 -8.21 19.05
N GLY A 236 22.33 -9.00 18.07
CA GLY A 236 21.41 -9.58 17.11
C GLY A 236 21.49 -11.09 17.07
N THR A 237 20.62 -11.76 17.80
CA THR A 237 20.66 -13.21 17.92
C THR A 237 19.37 -13.87 17.45
N SER A 238 18.40 -13.06 17.05
CA SER A 238 17.04 -13.54 16.89
C SER A 238 16.89 -14.73 15.94
N ARG A 239 16.35 -15.83 16.48
CA ARG A 239 16.02 -17.05 15.72
C ARG A 239 17.24 -17.73 15.07
N LYS A 240 18.43 -17.36 15.48
CA LYS A 240 19.62 -17.83 14.77
C LYS A 240 19.90 -19.33 14.93
N SER A 241 20.66 -19.86 13.97
CA SER A 241 20.97 -21.29 13.92
C SER A 241 21.51 -21.87 15.21
N PHE A 242 22.34 -21.12 15.93
CA PHE A 242 22.96 -21.69 17.13
C PHE A 242 21.93 -22.01 18.23
N ILE A 243 20.83 -21.27 18.24
CA ILE A 243 19.73 -21.56 19.16
C ILE A 243 19.10 -22.91 18.79
N GLY A 244 18.89 -23.12 17.49
CA GLY A 244 18.39 -24.41 17.02
C GLY A 244 19.35 -25.53 17.34
N HIS A 245 20.65 -25.24 17.28
CA HIS A 245 21.65 -26.26 17.58
C HIS A 245 21.56 -26.73 19.02
N VAL A 246 21.37 -25.79 19.94
CA VAL A 246 21.25 -26.11 21.36
C VAL A 246 19.94 -26.84 21.70
N LEU A 247 18.83 -26.31 21.22
CA LEU A 247 17.51 -26.80 21.60
C LEU A 247 16.97 -27.89 20.67
N ASP A 248 17.60 -28.02 19.50
CA ASP A 248 17.09 -28.89 18.44
C ASP A 248 15.66 -28.53 18.07
N LEU A 249 15.46 -27.26 17.72
CA LEU A 249 14.16 -26.74 17.36
C LEU A 249 14.26 -25.93 16.08
N PRO A 250 13.23 -26.00 15.22
CA PRO A 250 13.30 -25.26 13.95
C PRO A 250 13.08 -23.77 14.18
N VAL A 251 13.28 -22.98 13.13
CA VAL A 251 13.30 -21.51 13.22
C VAL A 251 12.05 -20.89 13.86
N GLU A 252 10.91 -21.56 13.70
CA GLU A 252 9.65 -21.04 14.21
C GLU A 252 9.43 -21.38 15.68
N GLU A 253 10.30 -22.21 16.25
CA GLU A 253 10.16 -22.64 17.63
C GLU A 253 11.34 -22.13 18.46
N ARG A 254 11.77 -20.90 18.22
CA ARG A 254 12.95 -20.37 18.92
C ARG A 254 12.67 -19.14 19.79
N LEU A 255 11.41 -18.91 20.15
CA LEU A 255 11.08 -17.75 20.98
C LEU A 255 11.82 -17.81 22.32
N GLU A 256 11.72 -18.96 22.97
CA GLU A 256 12.35 -19.17 24.27
C GLU A 256 13.84 -19.01 24.16
N GLY A 257 14.45 -19.68 23.17
CA GLY A 257 15.87 -19.56 22.92
C GLY A 257 16.34 -18.14 22.63
N THR A 258 15.63 -17.44 21.75
CA THR A 258 15.95 -16.04 21.47
C THR A 258 15.85 -15.23 22.77
N GLY A 259 14.79 -15.52 23.53
CA GLY A 259 14.55 -14.84 24.78
C GLY A 259 15.72 -14.94 25.73
N ALA A 260 16.26 -16.15 25.90
CA ALA A 260 17.43 -16.32 26.78
C ALA A 260 18.60 -15.47 26.30
N THR A 261 18.82 -15.41 24.99
CA THR A 261 19.94 -14.63 24.50
C THR A 261 19.74 -13.13 24.75
N VAL A 262 18.51 -12.68 24.60
CA VAL A 262 18.19 -11.27 24.83
C VAL A 262 18.41 -10.94 26.30
N CYS A 263 17.94 -11.81 27.18
CA CYS A 263 18.08 -11.54 28.60
C CYS A 263 19.55 -11.50 29.01
N LEU A 264 20.32 -12.46 28.51
CA LEU A 264 21.75 -12.50 28.89
C LEU A 264 22.49 -11.31 28.30
N GLY A 265 22.15 -10.94 27.07
CA GLY A 265 22.73 -9.77 26.44
C GLY A 265 22.49 -8.50 27.23
N ILE A 266 21.27 -8.33 27.74
CA ILE A 266 20.95 -7.14 28.50
C ILE A 266 21.70 -7.13 29.83
N GLU A 267 21.80 -8.31 30.45
CA GLU A 267 22.50 -8.42 31.73
C GLU A 267 23.98 -8.06 31.54
N LYS A 268 24.50 -8.38 30.36
CA LYS A 268 25.90 -8.10 30.05
C LYS A 268 26.13 -6.72 29.48
N GLY A 269 25.08 -5.90 29.45
CA GLY A 269 25.23 -4.47 29.18
C GLY A 269 24.87 -3.96 27.79
N CYS A 270 24.24 -4.76 26.94
CA CYS A 270 23.95 -4.27 25.60
CA CYS A 270 23.92 -4.30 25.59
C CYS A 270 22.88 -3.20 25.63
N GLU A 271 22.96 -2.27 24.67
CA GLU A 271 22.07 -1.13 24.60
C GLU A 271 20.91 -1.35 23.63
N PHE A 272 21.10 -2.24 22.66
CA PHE A 272 20.06 -2.55 21.67
C PHE A 272 19.93 -4.06 21.51
N VAL A 273 18.74 -4.53 21.17
CA VAL A 273 18.58 -5.88 20.66
C VAL A 273 17.80 -5.85 19.34
N ARG A 274 18.29 -6.62 18.37
CA ARG A 274 17.69 -6.66 17.04
C ARG A 274 16.88 -7.95 16.92
N VAL A 275 15.55 -7.84 16.85
CA VAL A 275 14.71 -9.03 17.02
C VAL A 275 13.55 -9.09 16.03
N HIS A 276 13.07 -10.30 15.74
CA HIS A 276 11.91 -10.49 14.86
C HIS A 276 10.62 -10.42 15.67
N ASP A 277 10.68 -10.98 16.88
CA ASP A 277 9.48 -11.14 17.68
C ASP A 277 9.37 -9.99 18.65
N VAL A 278 8.93 -8.85 18.14
CA VAL A 278 9.00 -7.59 18.88
C VAL A 278 8.13 -7.60 20.13
N LYS A 279 6.88 -8.06 20.00
CA LYS A 279 5.97 -8.11 21.13
C LYS A 279 6.59 -8.85 22.33
N GLU A 280 7.07 -10.06 22.09
CA GLU A 280 7.57 -10.89 23.17
C GLU A 280 8.92 -10.38 23.71
N MET A 281 9.82 -10.00 22.81
CA MET A 281 11.14 -9.56 23.26
C MET A 281 11.08 -8.19 23.93
N SER A 282 10.12 -7.36 23.53
CA SER A 282 9.96 -6.07 24.19
C SER A 282 9.55 -6.24 25.65
N ARG A 283 8.67 -7.20 25.91
CA ARG A 283 8.25 -7.50 27.28
C ARG A 283 9.41 -8.05 28.10
N MET A 284 10.19 -8.95 27.51
CA MET A 284 11.30 -9.55 28.24
C MET A 284 12.33 -8.50 28.57
N ALA A 285 12.61 -7.63 27.60
CA ALA A 285 13.57 -6.55 27.80
C ALA A 285 13.12 -5.58 28.89
N LYS A 286 11.84 -5.24 28.89
CA LYS A 286 11.29 -4.34 29.90
C LYS A 286 11.45 -4.94 31.30
N MET A 287 11.20 -6.24 31.41
CA MET A 287 11.36 -6.90 32.70
C MET A 287 12.83 -6.93 33.11
N MET A 288 13.72 -7.25 32.17
CA MET A 288 15.15 -7.26 32.46
C MET A 288 15.60 -5.87 32.93
N ASP A 289 15.18 -4.84 32.19
CA ASP A 289 15.56 -3.46 32.52
C ASP A 289 15.17 -3.10 33.95
N ALA A 290 13.97 -3.50 34.35
CA ALA A 290 13.49 -3.21 35.68
C ALA A 290 14.35 -3.88 36.74
N MET A 291 14.77 -5.11 36.46
CA MET A 291 15.51 -5.88 37.45
C MET A 291 16.95 -5.40 37.58
N ILE A 292 17.57 -5.04 36.47
CA ILE A 292 18.97 -4.64 36.52
C ILE A 292 19.11 -3.18 36.98
N GLY A 293 18.00 -2.45 36.96
CA GLY A 293 17.99 -1.08 37.44
C GLY A 293 18.23 -0.08 36.32
N LYS A 294 17.99 -0.50 35.08
CA LYS A 294 18.10 0.38 33.92
C LYS A 294 16.80 1.15 33.74
N MET B 21 -43.34 -3.65 -7.34
CA MET B 21 -43.25 -2.24 -7.74
C MET B 21 -42.58 -1.38 -6.66
N LYS B 22 -41.79 -0.38 -7.06
CA LYS B 22 -41.45 -0.11 -8.45
C LYS B 22 -40.55 -1.21 -9.01
N TRP B 23 -39.67 -1.74 -8.17
CA TRP B 23 -38.84 -2.85 -8.59
C TRP B 23 -39.14 -4.11 -7.80
N ASP B 24 -39.43 -5.20 -8.52
CA ASP B 24 -39.74 -6.46 -7.86
C ASP B 24 -38.51 -7.37 -7.78
N TYR B 25 -37.33 -6.80 -7.94
CA TYR B 25 -36.08 -7.54 -7.75
C TYR B 25 -35.00 -6.64 -7.18
N ASP B 26 -34.00 -7.24 -6.55
CA ASP B 26 -32.80 -6.52 -6.11
C ASP B 26 -31.70 -6.74 -7.14
N LEU B 27 -30.75 -5.81 -7.17
CA LEU B 27 -29.56 -5.95 -7.99
C LEU B 27 -28.58 -6.87 -7.28
N ARG B 28 -28.38 -8.06 -7.85
CA ARG B 28 -27.49 -9.04 -7.23
C ARG B 28 -26.04 -8.85 -7.69
N CYS B 29 -25.16 -8.54 -6.73
CA CYS B 29 -23.76 -8.28 -7.05
C CYS B 29 -22.82 -9.20 -6.27
N GLY B 30 -22.95 -10.51 -6.49
CA GLY B 30 -22.12 -11.46 -5.79
C GLY B 30 -22.46 -11.49 -4.31
N GLU B 31 -21.48 -11.19 -3.47
CA GLU B 31 -21.71 -11.17 -2.03
C GLU B 31 -22.48 -9.91 -1.60
N TYR B 32 -22.65 -8.96 -2.51
CA TYR B 32 -23.41 -7.76 -2.18
C TYR B 32 -24.75 -7.78 -2.89
N THR B 33 -25.72 -7.09 -2.30
CA THR B 33 -27.04 -6.97 -2.89
C THR B 33 -27.47 -5.52 -2.80
N LEU B 34 -27.86 -4.94 -3.93
CA LEU B 34 -28.32 -3.55 -3.94
C LEU B 34 -29.84 -3.48 -4.08
N ASN B 35 -30.48 -2.87 -3.10
CA ASN B 35 -31.91 -2.64 -3.17
C ASN B 35 -32.20 -1.44 -4.05
N LEU B 36 -33.19 -1.55 -4.95
CA LEU B 36 -33.46 -0.48 -5.89
C LEU B 36 -34.59 0.43 -5.42
N ASN B 37 -35.23 0.06 -4.32
CA ASN B 37 -36.41 0.80 -3.85
C ASN B 37 -36.15 1.71 -2.64
N GLU B 38 -35.22 1.31 -1.79
CA GLU B 38 -34.97 1.98 -0.51
C GLU B 38 -34.53 3.43 -0.64
N LYS B 39 -33.58 3.67 -1.53
CA LYS B 39 -32.97 4.99 -1.63
C LYS B 39 -32.22 5.07 -2.93
N THR B 40 -31.91 6.29 -3.36
CA THR B 40 -31.09 6.46 -4.55
C THR B 40 -29.69 5.94 -4.26
N LEU B 41 -29.15 5.11 -5.15
CA LEU B 41 -27.83 4.51 -4.92
C LEU B 41 -26.73 5.44 -5.43
N ILE B 42 -25.70 5.61 -4.61
CA ILE B 42 -24.61 6.54 -4.92
C ILE B 42 -23.41 5.76 -5.44
N MET B 43 -23.01 6.01 -6.68
CA MET B 43 -21.80 5.39 -7.21
C MET B 43 -20.67 6.41 -7.16
N GLY B 44 -19.62 6.13 -6.39
CA GLY B 44 -18.53 7.07 -6.25
C GLY B 44 -17.45 6.83 -7.29
N ILE B 45 -16.99 7.91 -7.91
CA ILE B 45 -15.97 7.82 -8.94
C ILE B 45 -14.56 7.81 -8.33
N LEU B 46 -13.86 6.69 -8.46
CA LEU B 46 -12.52 6.62 -7.86
C LEU B 46 -11.53 7.49 -8.61
N ASN B 47 -10.75 8.28 -7.89
CA ASN B 47 -9.67 9.04 -8.51
C ASN B 47 -8.54 8.06 -8.79
N VAL B 48 -8.12 7.97 -10.05
CA VAL B 48 -7.19 6.90 -10.45
C VAL B 48 -5.73 7.32 -10.69
N THR B 49 -5.52 8.57 -11.08
CA THR B 49 -4.19 9.22 -11.19
C THR B 49 -2.92 8.37 -11.09
N PRO B 50 -2.22 8.20 -12.22
CA PRO B 50 -0.96 7.43 -12.29
C PRO B 50 0.22 8.16 -11.64
N SER B 54 4.96 2.45 -12.47
CA SER B 54 4.94 3.37 -13.61
C SER B 54 3.85 2.98 -14.61
N ASP B 55 3.84 1.72 -15.00
CA ASP B 55 2.80 1.21 -15.90
C ASP B 55 1.55 0.82 -15.10
N GLY B 56 1.71 0.65 -13.79
CA GLY B 56 0.60 0.29 -12.93
C GLY B 56 0.99 -0.56 -11.74
N GLY B 57 0.15 -0.56 -10.71
CA GLY B 57 0.34 -1.44 -9.58
C GLY B 57 1.32 -0.96 -8.52
N SER B 58 1.87 0.23 -8.70
CA SER B 58 2.86 0.76 -7.75
C SER B 58 2.20 1.14 -6.43
N TYR B 59 2.97 1.16 -5.36
CA TYR B 59 2.40 1.46 -4.03
C TYR B 59 1.64 2.78 -3.95
N ASN B 60 2.27 3.88 -4.35
CA ASN B 60 1.67 5.20 -4.18
C ASN B 60 0.34 5.34 -4.92
N GLU B 61 0.30 4.78 -6.11
CA GLU B 61 -0.90 4.83 -6.95
C GLU B 61 -2.04 4.03 -6.32
N VAL B 62 -1.74 2.80 -5.90
CA VAL B 62 -2.77 1.91 -5.41
C VAL B 62 -3.21 2.31 -4.00
N ASP B 63 -2.24 2.69 -3.17
CA ASP B 63 -2.54 3.16 -1.82
C ASP B 63 -3.46 4.37 -1.87
N ALA B 64 -3.20 5.26 -2.82
CA ALA B 64 -4.06 6.43 -3.01
C ALA B 64 -5.47 6.01 -3.38
N ALA B 65 -5.60 5.03 -4.26
CA ALA B 65 -6.91 4.52 -4.68
C ALA B 65 -7.68 3.93 -3.49
N VAL B 66 -7.03 3.09 -2.72
CA VAL B 66 -7.64 2.52 -1.52
C VAL B 66 -8.10 3.60 -0.53
N ARG B 67 -7.25 4.59 -0.27
CA ARG B 67 -7.60 5.65 0.68
C ARG B 67 -8.82 6.42 0.20
N HIS B 68 -8.88 6.66 -1.10
CA HIS B 68 -10.01 7.39 -1.66
C HIS B 68 -11.27 6.55 -1.58
N ALA B 69 -11.13 5.25 -1.86
CA ALA B 69 -12.30 4.37 -1.82
C ALA B 69 -12.86 4.29 -0.40
N LYS B 70 -11.98 4.24 0.58
CA LYS B 70 -12.40 4.24 1.98
C LYS B 70 -13.12 5.53 2.34
N GLU B 71 -12.63 6.65 1.81
CA GLU B 71 -13.24 7.95 2.05
C GLU B 71 -14.66 7.99 1.49
N MET B 72 -14.80 7.55 0.24
CA MET B 72 -16.12 7.55 -0.40
C MET B 72 -17.07 6.61 0.33
N ARG B 73 -16.56 5.48 0.79
CA ARG B 73 -17.35 4.56 1.60
C ARG B 73 -17.85 5.25 2.86
N ASP B 74 -16.93 5.90 3.58
CA ASP B 74 -17.29 6.63 4.79
C ASP B 74 -18.27 7.78 4.55
N GLU B 75 -18.29 8.31 3.34
CA GLU B 75 -19.16 9.44 3.00
C GLU B 75 -20.50 9.04 2.41
N GLY B 76 -20.73 7.74 2.27
CA GLY B 76 -22.03 7.25 1.83
C GLY B 76 -22.14 6.61 0.45
N ALA B 77 -21.02 6.22 -0.14
CA ALA B 77 -21.07 5.55 -1.45
C ALA B 77 -21.59 4.12 -1.30
N HIS B 78 -22.34 3.66 -2.29
CA HIS B 78 -22.80 2.28 -2.29
C HIS B 78 -22.07 1.42 -3.31
N ILE B 79 -21.43 2.07 -4.28
CA ILE B 79 -20.66 1.39 -5.32
C ILE B 79 -19.41 2.23 -5.56
N ILE B 80 -18.28 1.57 -5.83
CA ILE B 80 -17.06 2.28 -6.19
C ILE B 80 -16.77 2.01 -7.67
N ASP B 81 -16.69 3.07 -8.48
CA ASP B 81 -16.48 2.92 -9.93
C ASP B 81 -15.03 3.17 -10.25
N ILE B 82 -14.38 2.19 -10.87
CA ILE B 82 -12.94 2.25 -11.09
C ILE B 82 -12.63 2.19 -12.59
N GLY B 83 -11.88 3.17 -13.10
CA GLY B 83 -11.59 3.22 -14.52
C GLY B 83 -10.15 3.55 -14.86
N GLY B 84 -9.71 3.14 -16.04
CA GLY B 84 -8.34 3.41 -16.47
C GLY B 84 -8.20 4.24 -17.73
N GLU B 85 -9.31 4.84 -18.19
CA GLU B 85 -9.27 5.65 -19.41
C GLU B 85 -9.83 7.08 -19.26
N SER B 86 -11.15 7.23 -19.42
CA SER B 86 -11.82 8.53 -19.28
C SER B 86 -11.24 9.63 -20.19
N VAL B 94 -3.88 3.94 -24.89
CA VAL B 94 -3.46 2.83 -24.05
C VAL B 94 -3.99 1.50 -24.58
N SER B 95 -3.11 0.51 -24.67
CA SER B 95 -3.52 -0.84 -25.11
C SER B 95 -4.30 -1.57 -24.02
N VAL B 96 -4.94 -2.67 -24.39
CA VAL B 96 -5.68 -3.50 -23.45
C VAL B 96 -4.75 -3.94 -22.32
N GLU B 97 -3.55 -4.36 -22.70
CA GLU B 97 -2.62 -4.93 -21.75
C GLU B 97 -2.18 -3.90 -20.71
N GLU B 98 -1.96 -2.65 -21.12
CA GLU B 98 -1.56 -1.58 -20.21
C GLU B 98 -2.71 -1.10 -19.33
N GLU B 99 -3.93 -1.15 -19.86
CA GLU B 99 -5.10 -0.75 -19.09
C GLU B 99 -5.36 -1.77 -17.99
N ILE B 100 -5.07 -3.03 -18.28
CA ILE B 100 -5.26 -4.11 -17.31
C ILE B 100 -4.25 -4.00 -16.16
N LYS B 101 -2.98 -3.79 -16.51
CA LYS B 101 -1.92 -3.64 -15.50
C LYS B 101 -2.22 -2.51 -14.54
N ARG B 102 -2.88 -1.47 -15.02
CA ARG B 102 -3.19 -0.35 -14.16
C ARG B 102 -4.44 -0.60 -13.35
N VAL B 103 -5.48 -1.15 -13.97
CA VAL B 103 -6.76 -1.29 -13.30
C VAL B 103 -6.87 -2.51 -12.35
N VAL B 104 -6.26 -3.63 -12.74
CA VAL B 104 -6.38 -4.85 -11.94
C VAL B 104 -5.82 -4.74 -10.51
N PRO B 105 -4.60 -4.17 -10.35
CA PRO B 105 -4.10 -4.00 -8.98
C PRO B 105 -5.02 -3.13 -8.12
N MET B 106 -5.69 -2.18 -8.75
CA MET B 106 -6.56 -1.31 -7.98
C MET B 106 -7.82 -2.03 -7.52
N ILE B 107 -8.40 -2.84 -8.42
CA ILE B 107 -9.59 -3.62 -8.08
C ILE B 107 -9.24 -4.64 -7.00
N GLN B 108 -8.10 -5.29 -7.14
CA GLN B 108 -7.64 -6.23 -6.12
C GLN B 108 -7.54 -5.60 -4.73
N ALA B 109 -6.83 -4.49 -4.63
CA ALA B 109 -6.67 -3.81 -3.35
C ALA B 109 -7.99 -3.25 -2.81
N VAL B 110 -8.76 -2.60 -3.68
CA VAL B 110 -10.01 -1.99 -3.22
C VAL B 110 -11.03 -3.04 -2.78
N SER B 111 -11.15 -4.12 -3.55
CA SER B 111 -12.08 -5.19 -3.21
C SER B 111 -11.76 -5.86 -1.88
N LYS B 112 -10.48 -5.93 -1.54
CA LYS B 112 -10.04 -6.53 -0.28
C LYS B 112 -10.24 -5.60 0.91
N GLU B 113 -10.03 -4.31 0.72
CA GLU B 113 -9.96 -3.39 1.82
C GLU B 113 -11.24 -2.58 2.02
N VAL B 114 -12.11 -2.58 1.03
CA VAL B 114 -13.37 -1.84 1.08
C VAL B 114 -14.57 -2.72 0.73
N LYS B 115 -15.49 -2.89 1.67
CA LYS B 115 -16.62 -3.80 1.46
C LYS B 115 -17.82 -3.16 0.75
N LEU B 116 -17.64 -2.89 -0.54
CA LEU B 116 -18.68 -2.36 -1.41
C LEU B 116 -18.53 -3.02 -2.76
N PRO B 117 -19.63 -3.11 -3.53
CA PRO B 117 -19.48 -3.59 -4.89
C PRO B 117 -18.65 -2.61 -5.71
N ILE B 118 -17.88 -3.15 -6.65
CA ILE B 118 -17.01 -2.35 -7.50
C ILE B 118 -17.51 -2.43 -8.92
N SER B 119 -17.57 -1.30 -9.62
CA SER B 119 -17.88 -1.35 -11.03
C SER B 119 -16.60 -1.07 -11.81
N ILE B 120 -16.42 -1.77 -12.92
CA ILE B 120 -15.26 -1.53 -13.77
C ILE B 120 -15.73 -0.66 -14.94
N ASP B 121 -15.13 0.51 -15.06
CA ASP B 121 -15.52 1.45 -16.11
C ASP B 121 -14.65 1.15 -17.32
N THR B 122 -15.19 0.37 -18.25
CA THR B 122 -14.48 0.00 -19.47
C THR B 122 -15.46 -0.34 -20.58
N TYR B 123 -15.03 -0.17 -21.82
CA TYR B 123 -15.82 -0.61 -22.96
C TYR B 123 -15.15 -1.79 -23.64
N LYS B 124 -14.08 -2.30 -23.04
CA LYS B 124 -13.32 -3.40 -23.64
C LYS B 124 -13.63 -4.73 -22.96
N ALA B 125 -13.95 -5.74 -23.76
CA ALA B 125 -14.31 -7.05 -23.24
C ALA B 125 -13.20 -7.68 -22.38
N GLU B 126 -11.98 -7.63 -22.87
CA GLU B 126 -10.90 -8.28 -22.15
C GLU B 126 -10.60 -7.58 -20.81
N VAL B 127 -10.72 -6.26 -20.79
CA VAL B 127 -10.58 -5.52 -19.53
C VAL B 127 -11.69 -5.90 -18.57
N ALA B 128 -12.93 -5.95 -19.05
CA ALA B 128 -14.05 -6.33 -18.20
C ALA B 128 -13.83 -7.71 -17.59
N LYS B 129 -13.40 -8.67 -18.41
CA LYS B 129 -13.13 -10.03 -17.93
C LYS B 129 -12.09 -10.08 -16.81
N GLN B 130 -10.91 -9.50 -17.04
CA GLN B 130 -9.86 -9.52 -16.04
C GLN B 130 -10.24 -8.74 -14.78
N ALA B 131 -10.98 -7.64 -14.96
CA ALA B 131 -11.45 -6.85 -13.84
C ALA B 131 -12.39 -7.66 -12.95
N ILE B 132 -13.29 -8.41 -13.56
CA ILE B 132 -14.23 -9.24 -12.81
C ILE B 132 -13.48 -10.34 -12.10
N GLU B 133 -12.54 -10.96 -12.79
CA GLU B 133 -11.69 -11.98 -12.18
C GLU B 133 -10.89 -11.40 -11.01
N ALA B 134 -10.55 -10.12 -11.09
CA ALA B 134 -9.80 -9.45 -10.03
C ALA B 134 -10.70 -9.01 -8.88
N GLY B 135 -12.01 -9.04 -9.10
CA GLY B 135 -12.94 -8.75 -8.02
C GLY B 135 -14.07 -7.78 -8.30
N ALA B 136 -14.16 -7.27 -9.53
CA ALA B 136 -15.23 -6.34 -9.86
C ALA B 136 -16.59 -7.05 -9.97
N HIS B 137 -17.65 -6.31 -9.69
CA HIS B 137 -19.00 -6.86 -9.60
C HIS B 137 -19.93 -6.38 -10.71
N ILE B 138 -19.60 -5.23 -11.29
CA ILE B 138 -20.50 -4.56 -12.24
C ILE B 138 -19.67 -4.06 -13.40
N ILE B 139 -20.20 -4.12 -14.62
CA ILE B 139 -19.50 -3.53 -15.77
C ILE B 139 -20.19 -2.21 -16.11
N ASN B 140 -19.41 -1.16 -16.32
CA ASN B 140 -19.95 0.16 -16.66
C ASN B 140 -19.40 0.50 -18.04
N ASP B 141 -20.23 0.39 -19.08
CA ASP B 141 -19.73 0.51 -20.45
C ASP B 141 -20.21 1.80 -21.12
N ILE B 142 -19.28 2.75 -21.33
CA ILE B 142 -19.64 4.03 -21.96
C ILE B 142 -20.03 3.88 -23.42
N TRP B 143 -19.83 2.71 -24.02
CA TRP B 143 -20.31 2.51 -25.38
C TRP B 143 -21.50 1.56 -25.49
N GLY B 144 -22.02 1.12 -24.36
CA GLY B 144 -23.24 0.33 -24.34
C GLY B 144 -23.17 -0.93 -25.18
N ALA B 145 -22.03 -1.62 -25.06
CA ALA B 145 -21.78 -2.88 -25.77
C ALA B 145 -21.63 -2.72 -27.28
N LYS B 146 -21.53 -1.48 -27.75
CA LYS B 146 -21.40 -1.24 -29.18
C LYS B 146 -19.96 -1.17 -29.68
N ALA B 147 -19.04 -0.76 -28.81
CA ALA B 147 -17.62 -0.73 -29.19
C ALA B 147 -17.06 -2.15 -29.32
N GLU B 148 -17.34 -2.97 -28.32
CA GLU B 148 -16.91 -4.37 -28.31
C GLU B 148 -18.04 -5.24 -27.82
N PRO B 149 -18.87 -5.75 -28.75
CA PRO B 149 -20.07 -6.52 -28.39
C PRO B 149 -19.78 -7.73 -27.52
N LYS B 150 -18.57 -8.26 -27.59
CA LYS B 150 -18.18 -9.38 -26.73
C LYS B 150 -18.22 -9.03 -25.24
N ILE B 151 -18.26 -7.75 -24.91
CA ILE B 151 -18.35 -7.34 -23.52
C ILE B 151 -19.67 -7.87 -22.91
N ALA B 152 -20.71 -7.97 -23.75
CA ALA B 152 -21.99 -8.54 -23.32
C ALA B 152 -21.87 -10.03 -23.04
N GLU B 153 -21.06 -10.73 -23.83
CA GLU B 153 -20.78 -12.13 -23.57
C GLU B 153 -20.08 -12.31 -22.24
N VAL B 154 -19.14 -11.41 -21.95
CA VAL B 154 -18.46 -11.43 -20.66
C VAL B 154 -19.47 -11.21 -19.53
N ALA B 155 -20.32 -10.21 -19.71
CA ALA B 155 -21.35 -9.90 -18.70
C ALA B 155 -22.25 -11.10 -18.46
N ALA B 156 -22.71 -11.73 -19.54
CA ALA B 156 -23.56 -12.91 -19.44
C ALA B 156 -22.85 -14.07 -18.73
N HIS B 157 -21.61 -14.34 -19.12
CA HIS B 157 -20.87 -15.44 -18.51
C HIS B 157 -20.73 -15.33 -16.99
N TYR B 158 -20.40 -14.12 -16.52
CA TYR B 158 -20.16 -13.92 -15.10
C TYR B 158 -21.42 -13.52 -14.35
N ASP B 159 -22.51 -13.32 -15.09
CA ASP B 159 -23.83 -13.03 -14.52
C ASP B 159 -23.81 -11.74 -13.72
N VAL B 160 -23.10 -10.73 -14.23
CA VAL B 160 -22.98 -9.45 -13.53
C VAL B 160 -23.87 -8.39 -14.15
N PRO B 161 -24.26 -7.40 -13.35
CA PRO B 161 -25.01 -6.28 -13.94
C PRO B 161 -24.12 -5.52 -14.92
N ILE B 162 -24.71 -5.04 -16.01
CA ILE B 162 -23.97 -4.19 -16.92
C ILE B 162 -24.72 -2.88 -17.14
N ILE B 163 -24.00 -1.77 -17.08
CA ILE B 163 -24.59 -0.46 -17.35
C ILE B 163 -24.32 -0.10 -18.80
N LEU B 164 -25.39 0.12 -19.55
CA LEU B 164 -25.28 0.43 -20.96
C LEU B 164 -25.53 1.92 -21.15
N MET B 165 -24.48 2.66 -21.47
CA MET B 165 -24.60 4.10 -21.62
C MET B 165 -24.94 4.50 -23.03
N HIS B 166 -25.79 5.51 -23.18
CA HIS B 166 -26.03 6.03 -24.51
C HIS B 166 -24.80 6.76 -25.03
N ASN B 167 -24.45 6.49 -26.28
CA ASN B 167 -23.31 7.14 -26.91
C ASN B 167 -23.48 6.92 -28.42
N ARG B 168 -22.78 7.72 -29.21
CA ARG B 168 -22.75 7.56 -30.67
C ARG B 168 -21.64 8.44 -31.22
N ASP B 169 -21.35 8.33 -32.51
CA ASP B 169 -20.20 9.04 -33.06
C ASP B 169 -20.54 10.40 -33.66
N ASN B 170 -21.74 10.90 -33.36
CA ASN B 170 -22.18 12.17 -33.93
C ASN B 170 -23.17 12.85 -33.00
N MET B 171 -23.51 14.11 -33.29
CA MET B 171 -24.51 14.82 -32.49
C MET B 171 -25.72 15.24 -33.34
N ASN B 172 -26.01 14.43 -34.37
CA ASN B 172 -27.12 14.72 -35.28
C ASN B 172 -28.36 13.90 -34.94
N TYR B 173 -29.32 14.53 -34.27
CA TYR B 173 -30.53 13.86 -33.85
C TYR B 173 -31.77 14.41 -34.55
N ARG B 174 -32.64 13.50 -35.01
CA ARG B 174 -33.95 13.89 -35.54
C ARG B 174 -34.87 14.30 -34.40
N ASN B 175 -34.74 13.60 -33.29
CA ASN B 175 -35.55 13.79 -32.10
C ASN B 175 -34.72 13.19 -30.99
N LEU B 176 -34.14 14.05 -30.14
CA LEU B 176 -33.11 13.60 -29.19
C LEU B 176 -33.57 12.43 -28.33
N ALA B 178 -36.20 10.55 -28.55
CA ALA B 178 -36.62 9.30 -29.21
C ALA B 178 -35.41 8.54 -29.78
N ASP B 179 -34.43 9.29 -30.27
CA ASP B 179 -33.22 8.70 -30.83
C ASP B 179 -32.34 8.05 -29.76
N MET B 180 -32.28 8.66 -28.58
CA MET B 180 -31.52 8.07 -27.46
C MET B 180 -32.15 6.75 -27.07
N ILE B 181 -33.48 6.73 -27.05
CA ILE B 181 -34.18 5.51 -26.68
C ILE B 181 -33.96 4.41 -27.71
N ALA B 182 -34.02 4.77 -29.00
CA ALA B 182 -33.74 3.83 -30.06
C ALA B 182 -32.33 3.29 -29.95
N ASP B 183 -31.38 4.18 -29.68
CA ASP B 183 -29.99 3.76 -29.52
C ASP B 183 -29.80 2.84 -28.32
N LEU B 184 -30.45 3.17 -27.21
CA LEU B 184 -30.38 2.32 -26.02
C LEU B 184 -31.01 0.95 -26.27
N TYR B 185 -32.09 0.90 -27.04
CA TYR B 185 -32.64 -0.41 -27.37
C TYR B 185 -31.69 -1.25 -28.19
N ASP B 186 -30.90 -0.61 -29.04
CA ASP B 186 -29.95 -1.36 -29.85
C ASP B 186 -28.91 -1.99 -28.92
N SER B 187 -28.57 -1.27 -27.86
CA SER B 187 -27.66 -1.77 -26.84
C SER B 187 -28.28 -2.93 -26.05
N ILE B 188 -29.53 -2.73 -25.63
CA ILE B 188 -30.25 -3.77 -24.90
C ILE B 188 -30.31 -5.06 -25.73
N LYS B 189 -30.61 -4.93 -27.02
CA LYS B 189 -30.68 -6.10 -27.90
C LYS B 189 -29.33 -6.83 -28.00
N ILE B 190 -28.23 -6.08 -28.10
CA ILE B 190 -26.91 -6.71 -28.11
C ILE B 190 -26.69 -7.48 -26.81
N ALA B 191 -27.03 -6.87 -25.68
CA ALA B 191 -26.83 -7.52 -24.39
C ALA B 191 -27.70 -8.77 -24.26
N LYS B 192 -28.99 -8.66 -24.56
CA LYS B 192 -29.87 -9.82 -24.43
C LYS B 192 -29.52 -10.93 -25.42
N ASP B 193 -29.10 -10.56 -26.63
CA ASP B 193 -28.72 -11.57 -27.62
C ASP B 193 -27.54 -12.40 -27.11
N ALA B 194 -26.70 -11.78 -26.29
CA ALA B 194 -25.52 -12.46 -25.75
C ALA B 194 -25.85 -13.24 -24.47
N GLY B 195 -27.09 -13.11 -24.00
CA GLY B 195 -27.52 -13.85 -22.83
C GLY B 195 -27.64 -13.06 -21.55
N VAL B 196 -27.47 -11.74 -21.62
CA VAL B 196 -27.62 -10.93 -20.41
C VAL B 196 -29.09 -10.90 -19.99
N ARG B 197 -29.34 -11.21 -18.71
CA ARG B 197 -30.71 -11.22 -18.17
C ARG B 197 -31.24 -9.80 -17.95
N ASP B 198 -32.56 -9.61 -18.09
CA ASP B 198 -33.15 -8.29 -17.88
C ASP B 198 -32.77 -7.68 -16.52
N GLU B 199 -32.73 -8.52 -15.50
CA GLU B 199 -32.39 -8.02 -14.16
C GLU B 199 -30.95 -7.52 -14.07
N ASN B 200 -30.11 -7.87 -15.05
CA ASN B 200 -28.72 -7.40 -15.05
C ASN B 200 -28.47 -6.22 -15.98
N ILE B 201 -29.53 -5.60 -16.48
CA ILE B 201 -29.39 -4.44 -17.34
C ILE B 201 -29.73 -3.12 -16.63
N ILE B 202 -28.82 -2.15 -16.74
CA ILE B 202 -29.02 -0.79 -16.23
C ILE B 202 -28.73 0.15 -17.39
N LEU B 203 -29.51 1.22 -17.53
CA LEU B 203 -29.28 2.17 -18.61
C LEU B 203 -28.76 3.50 -18.08
N ASP B 204 -28.05 4.23 -18.94
CA ASP B 204 -27.46 5.53 -18.58
C ASP B 204 -27.65 6.41 -19.81
N PRO B 205 -28.24 7.62 -19.64
CA PRO B 205 -28.48 8.52 -20.77
C PRO B 205 -27.24 9.11 -21.42
N GLY B 206 -26.05 8.88 -20.85
CA GLY B 206 -24.85 9.41 -21.46
C GLY B 206 -24.82 10.93 -21.56
N ILE B 207 -25.31 11.59 -20.52
CA ILE B 207 -25.15 13.04 -20.43
C ILE B 207 -23.67 13.38 -20.51
N GLY B 208 -23.33 14.33 -21.37
CA GLY B 208 -21.95 14.73 -21.54
C GLY B 208 -21.25 13.98 -22.63
N PHE B 209 -21.98 13.08 -23.30
CA PHE B 209 -21.43 12.33 -24.44
C PHE B 209 -22.28 12.49 -25.69
N ALA B 210 -21.63 12.81 -26.79
CA ALA B 210 -22.27 12.86 -28.11
C ALA B 210 -23.44 13.84 -28.13
N LYS B 211 -23.35 14.89 -27.32
CA LYS B 211 -24.43 15.87 -27.17
C LYS B 211 -23.86 17.28 -27.04
N THR B 212 -24.53 18.23 -27.68
CA THR B 212 -24.21 19.65 -27.49
C THR B 212 -24.65 20.02 -26.07
N PRO B 213 -24.17 21.16 -25.55
CA PRO B 213 -24.64 21.65 -24.25
C PRO B 213 -26.16 21.72 -24.19
N GLU B 214 -26.76 22.26 -25.23
CA GLU B 214 -28.21 22.37 -25.30
CA GLU B 214 -28.21 22.38 -25.31
C GLU B 214 -28.90 21.02 -25.36
N GLN B 215 -28.28 20.05 -26.04
CA GLN B 215 -28.83 18.70 -26.07
C GLN B 215 -28.73 18.06 -24.70
N ASN B 216 -27.63 18.30 -23.98
CA ASN B 216 -27.53 17.81 -22.61
C ASN B 216 -28.64 18.35 -21.70
N LEU B 217 -28.95 19.63 -21.84
CA LEU B 217 -30.03 20.21 -21.06
C LEU B 217 -31.37 19.59 -21.45
N GLU B 218 -31.57 19.39 -22.74
CA GLU B 218 -32.81 18.76 -23.22
C GLU B 218 -32.97 17.35 -22.68
N ALA B 219 -31.87 16.59 -22.62
CA ALA B 219 -31.95 15.23 -22.11
C ALA B 219 -32.32 15.24 -20.64
N MET B 220 -31.69 16.15 -19.88
CA MET B 220 -32.02 16.31 -18.47
C MET B 220 -33.49 16.63 -18.28
N ARG B 221 -34.00 17.52 -19.12
CA ARG B 221 -35.38 18.01 -19.05
C ARG B 221 -36.38 16.90 -19.32
N ASN B 222 -35.95 15.88 -20.05
CA ASN B 222 -36.86 14.82 -20.48
C ASN B 222 -36.45 13.43 -20.01
N LEU B 223 -35.64 13.37 -18.96
CA LEU B 223 -35.08 12.09 -18.50
C LEU B 223 -36.11 11.04 -18.14
N GLU B 224 -37.30 11.49 -17.72
CA GLU B 224 -38.34 10.56 -17.28
C GLU B 224 -38.80 9.62 -18.40
N GLN B 225 -38.59 10.04 -19.64
CA GLN B 225 -38.97 9.20 -20.77
C GLN B 225 -38.21 7.88 -20.80
N LEU B 226 -36.99 7.85 -20.25
CA LEU B 226 -36.18 6.64 -20.29
C LEU B 226 -36.81 5.55 -19.46
N ASN B 227 -37.67 5.93 -18.51
CA ASN B 227 -38.33 4.95 -17.66
C ASN B 227 -39.24 3.98 -18.39
N VAL B 228 -39.74 4.37 -19.56
CA VAL B 228 -40.65 3.50 -20.27
C VAL B 228 -39.99 2.21 -20.73
N LEU B 229 -38.66 2.20 -20.83
CA LEU B 229 -37.98 0.99 -21.32
C LEU B 229 -38.02 -0.11 -20.27
N GLY B 230 -38.24 0.28 -19.01
CA GLY B 230 -38.46 -0.70 -17.95
C GLY B 230 -37.21 -1.18 -17.23
N TYR B 231 -36.10 -0.45 -17.36
CA TYR B 231 -34.87 -0.81 -16.67
C TYR B 231 -34.44 0.31 -15.72
N PRO B 232 -33.69 -0.05 -14.66
CA PRO B 232 -33.15 0.99 -13.78
C PRO B 232 -32.24 1.93 -14.56
N VAL B 233 -32.23 3.21 -14.16
CA VAL B 233 -31.47 4.22 -14.85
C VAL B 233 -30.42 4.80 -13.92
N LEU B 234 -29.18 4.89 -14.40
CA LEU B 234 -28.11 5.56 -13.67
C LEU B 234 -27.82 6.89 -14.37
N LEU B 235 -27.68 7.96 -13.58
CA LEU B 235 -27.34 9.27 -14.13
C LEU B 235 -25.92 9.66 -13.77
N GLY B 236 -25.12 10.01 -14.78
CA GLY B 236 -23.74 10.42 -14.54
C GLY B 236 -23.44 11.78 -15.13
N THR B 237 -23.62 12.83 -14.33
CA THR B 237 -23.49 14.20 -14.81
C THR B 237 -22.38 14.95 -14.13
N SER B 238 -21.72 14.28 -13.20
CA SER B 238 -20.84 14.95 -12.25
C SER B 238 -19.70 15.77 -12.88
N ARG B 239 -19.72 17.08 -12.60
CA ARG B 239 -18.66 18.02 -13.01
C ARG B 239 -18.52 18.17 -14.51
N LYS B 240 -19.53 17.77 -15.27
CA LYS B 240 -19.38 17.73 -16.72
C LYS B 240 -19.40 19.09 -17.39
N SER B 241 -18.86 19.13 -18.61
CA SER B 241 -18.69 20.37 -19.36
C SER B 241 -19.95 21.23 -19.46
N PHE B 242 -21.11 20.60 -19.65
CA PHE B 242 -22.34 21.36 -19.86
C PHE B 242 -22.70 22.18 -18.62
N ILE B 243 -22.33 21.69 -17.44
CA ILE B 243 -22.54 22.47 -16.22
C ILE B 243 -21.66 23.71 -16.22
N GLY B 244 -20.41 23.54 -16.62
CA GLY B 244 -19.49 24.67 -16.77
C GLY B 244 -20.00 25.66 -17.81
N HIS B 245 -20.65 25.15 -18.85
CA HIS B 245 -21.17 26.01 -19.90
C HIS B 245 -22.31 26.90 -19.40
N VAL B 246 -23.22 26.32 -18.62
CA VAL B 246 -24.33 27.08 -18.06
C VAL B 246 -23.85 28.10 -17.03
N LEU B 247 -22.98 27.66 -16.13
CA LEU B 247 -22.57 28.49 -15.00
C LEU B 247 -21.32 29.34 -15.23
N ASP B 248 -20.56 29.01 -16.29
CA ASP B 248 -19.29 29.69 -16.57
C ASP B 248 -18.32 29.51 -15.38
N LEU B 249 -18.13 28.27 -14.97
CA LEU B 249 -17.29 27.92 -13.84
C LEU B 249 -16.41 26.72 -14.19
N PRO B 250 -15.17 26.70 -13.68
CA PRO B 250 -14.22 25.62 -13.98
C PRO B 250 -14.62 24.32 -13.28
N VAL B 251 -13.92 23.23 -13.60
CA VAL B 251 -14.31 21.91 -13.15
C VAL B 251 -14.41 21.76 -11.62
N GLU B 252 -13.57 22.50 -10.89
CA GLU B 252 -13.57 22.42 -9.43
C GLU B 252 -14.67 23.26 -8.78
N GLU B 253 -15.41 24.01 -9.60
CA GLU B 253 -16.45 24.90 -9.09
C GLU B 253 -17.82 24.49 -9.56
N ARG B 254 -18.04 23.18 -9.68
CA ARG B 254 -19.30 22.69 -10.24
C ARG B 254 -20.13 21.84 -9.29
N LEU B 255 -19.86 21.95 -7.99
CA LEU B 255 -20.60 21.17 -7.00
C LEU B 255 -22.08 21.51 -7.06
N GLU B 256 -22.40 22.80 -6.99
CA GLU B 256 -23.79 23.26 -7.03
C GLU B 256 -24.48 22.82 -8.31
N GLY B 257 -23.82 23.02 -9.44
CA GLY B 257 -24.38 22.57 -10.72
C GLY B 257 -24.62 21.08 -10.78
N THR B 258 -23.65 20.29 -10.30
CA THR B 258 -23.84 18.85 -10.27
C THR B 258 -25.02 18.50 -9.38
N GLY B 259 -25.13 19.18 -8.25
CA GLY B 259 -26.21 18.94 -7.31
C GLY B 259 -27.56 19.15 -7.95
N ALA B 260 -27.69 20.22 -8.74
CA ALA B 260 -28.95 20.47 -9.44
C ALA B 260 -29.29 19.32 -10.38
N THR B 261 -28.29 18.82 -11.12
CA THR B 261 -28.56 17.71 -12.02
C THR B 261 -28.94 16.43 -11.26
N VAL B 262 -28.32 16.22 -10.11
CA VAL B 262 -28.64 15.06 -9.29
C VAL B 262 -30.07 15.13 -8.77
N CYS B 263 -30.44 16.29 -8.26
CA CYS B 263 -31.81 16.49 -7.79
C CYS B 263 -32.85 16.29 -8.90
N LEU B 264 -32.59 16.85 -10.08
CA LEU B 264 -33.56 16.72 -11.16
C LEU B 264 -33.65 15.27 -11.61
N GLY B 265 -32.50 14.59 -11.66
CA GLY B 265 -32.47 13.20 -12.05
C GLY B 265 -33.26 12.30 -11.11
N ILE B 266 -33.13 12.54 -9.82
CA ILE B 266 -33.88 11.72 -8.86
C ILE B 266 -35.37 12.00 -8.96
N GLU B 267 -35.74 13.26 -9.13
CA GLU B 267 -37.15 13.60 -9.30
CA GLU B 267 -37.14 13.62 -9.31
C GLU B 267 -37.71 12.91 -10.54
N LYS B 268 -36.86 12.74 -11.55
CA LYS B 268 -37.29 12.08 -12.78
C LYS B 268 -37.18 10.55 -12.74
N GLY B 269 -36.77 10.02 -11.60
CA GLY B 269 -36.89 8.58 -11.37
C GLY B 269 -35.63 7.74 -11.49
N CYS B 270 -34.45 8.36 -11.53
CA CYS B 270 -33.24 7.56 -11.68
CA CYS B 270 -33.21 7.60 -11.65
C CYS B 270 -32.98 6.77 -10.40
N GLU B 271 -32.37 5.60 -10.56
CA GLU B 271 -32.09 4.69 -9.45
C GLU B 271 -30.68 4.86 -8.87
N PHE B 272 -29.76 5.38 -9.68
CA PHE B 272 -28.36 5.57 -9.28
C PHE B 272 -27.91 6.94 -9.73
N VAL B 273 -26.98 7.55 -8.98
CA VAL B 273 -26.22 8.68 -9.50
C VAL B 273 -24.72 8.42 -9.34
N ARG B 274 -23.94 8.80 -10.34
CA ARG B 274 -22.50 8.54 -10.36
C ARG B 274 -21.81 9.88 -10.20
N VAL B 275 -21.12 10.04 -9.07
CA VAL B 275 -20.65 11.36 -8.64
C VAL B 275 -19.22 11.34 -8.10
N HIS B 276 -18.52 12.48 -8.18
CA HIS B 276 -17.20 12.64 -7.59
C HIS B 276 -17.33 13.06 -6.11
N ASP B 277 -18.29 13.94 -5.85
CA ASP B 277 -18.45 14.54 -4.53
C ASP B 277 -19.47 13.76 -3.71
N VAL B 278 -19.01 12.64 -3.15
CA VAL B 278 -19.90 11.69 -2.51
C VAL B 278 -20.62 12.24 -1.27
N LYS B 279 -19.87 12.89 -0.40
CA LYS B 279 -20.44 13.42 0.83
C LYS B 279 -21.60 14.36 0.53
N GLU B 280 -21.35 15.32 -0.35
CA GLU B 280 -22.37 16.34 -0.64
C GLU B 280 -23.55 15.76 -1.41
N MET B 281 -23.26 14.96 -2.42
CA MET B 281 -24.32 14.40 -3.25
C MET B 281 -25.15 13.36 -2.50
N SER B 282 -24.54 12.65 -1.56
CA SER B 282 -25.30 11.69 -0.78
C SER B 282 -26.34 12.40 0.09
N ARG B 283 -25.97 13.56 0.61
CA ARG B 283 -26.87 14.34 1.45
C ARG B 283 -28.03 14.87 0.61
N MET B 284 -27.72 15.39 -0.57
CA MET B 284 -28.74 15.92 -1.47
C MET B 284 -29.71 14.83 -1.88
N ALA B 285 -29.15 13.67 -2.23
CA ALA B 285 -29.95 12.53 -2.65
C ALA B 285 -30.87 12.05 -1.53
N LYS B 286 -30.35 12.05 -0.30
CA LYS B 286 -31.14 11.62 0.85
C LYS B 286 -32.33 12.56 1.07
N MET B 287 -32.09 13.85 0.91
CA MET B 287 -33.16 14.82 1.04
C MET B 287 -34.20 14.67 -0.09
N MET B 288 -33.73 14.50 -1.32
CA MET B 288 -34.63 14.28 -2.46
C MET B 288 -35.47 13.04 -2.23
N ASP B 289 -34.84 11.96 -1.81
CA ASP B 289 -35.55 10.70 -1.56
C ASP B 289 -36.69 10.92 -0.59
N ALA B 290 -36.42 11.68 0.48
CA ALA B 290 -37.43 11.91 1.50
C ALA B 290 -38.61 12.70 0.95
N MET B 291 -38.32 13.69 0.13
CA MET B 291 -39.36 14.55 -0.43
C MET B 291 -40.23 13.82 -1.44
N ILE B 292 -39.61 13.03 -2.31
CA ILE B 292 -40.38 12.35 -3.35
C ILE B 292 -41.07 11.12 -2.79
N GLY B 293 -40.65 10.71 -1.60
CA GLY B 293 -41.28 9.60 -0.91
C GLY B 293 -40.71 8.25 -1.32
N LYS B 294 -39.43 8.24 -1.69
CA LYS B 294 -38.74 7.00 -2.00
C LYS B 294 -38.34 6.33 -0.68
N GLY B 295 -38.68 5.05 -0.54
CA GLY B 295 -38.38 4.31 0.67
C GLY B 295 -39.58 4.18 1.59
S SO4 C . 17.51 -11.55 9.48
O1 SO4 C . 18.44 -12.54 8.92
O2 SO4 C . 17.82 -11.34 10.89
O3 SO4 C . 17.66 -10.28 8.79
O4 SO4 C . 16.15 -12.08 9.35
S SO4 D . -1.63 3.98 11.72
O1 SO4 D . -0.27 4.46 11.57
O2 SO4 D . -1.66 2.84 12.64
O3 SO4 D . -2.16 3.56 10.43
O4 SO4 D . -2.46 5.06 12.26
S SO4 E . 18.78 -23.02 10.65
O1 SO4 E . 19.82 -23.93 11.12
O2 SO4 E . 18.92 -21.71 11.29
O3 SO4 E . 18.90 -22.86 9.21
O4 SO4 E . 17.47 -23.56 10.98
S SO4 F . 7.31 -13.56 10.80
O1 SO4 F . 8.21 -14.71 10.73
O2 SO4 F . 7.15 -13.12 12.18
O3 SO4 F . 7.86 -12.48 10.00
O4 SO4 F . 6.01 -13.95 10.27
S SO4 G . 27.09 -3.75 -9.03
O1 SO4 G . 28.44 -3.26 -8.74
O2 SO4 G . 26.44 -4.21 -7.81
O3 SO4 G . 27.15 -4.87 -9.97
O4 SO4 G . 26.31 -2.66 -9.60
S SO4 H . 29.34 10.49 0.18
O1 SO4 H . 30.11 9.35 0.66
O2 SO4 H . 30.07 11.72 0.51
O3 SO4 H . 29.17 10.38 -1.27
O4 SO4 H . 28.03 10.49 0.83
F01 6DH I . 30.71 -10.23 0.38
F02 6DH I . 31.73 -9.36 -1.33
F 6DH I . 32.15 -11.41 -0.73
C01 6DH I . 31.85 -10.19 -0.30
O 6DH I . 38.12 -11.97 7.23
C02 6DH I . 37.63 -10.70 7.03
C03 6DH I . 36.83 -10.65 5.77
C04 6DH I . 36.59 -9.24 5.36
N01 6DH I . 34.75 -10.07 3.85
C05 6DH I . 35.78 -9.24 4.12
C06 6DH I . 33.76 -8.63 0.12
N 6DH I . 35.98 -8.37 3.07
C07 6DH I . 32.96 -9.69 0.57
C08 6DH I . 33.23 -10.25 1.83
C09 6DH I . 34.80 -8.09 0.87
C10 6DH I . 34.26 -9.72 2.58
C 6DH I . 35.03 -8.65 2.10
F01 6DH J . 9.91 -16.66 25.30
F02 6DH J . 8.67 -15.53 26.68
F 6DH J . 9.11 -17.61 27.09
C01 6DH J . 8.88 -16.72 26.13
O 6DH J . 2.92 -14.18 22.19
C02 6DH J . 3.21 -15.33 21.49
C03 6DH J . 2.11 -16.32 21.65
C04 6DH J . 2.10 -16.83 23.06
N01 6DH J . 4.18 -16.18 24.32
C05 6DH J . 3.48 -17.04 23.55
C06 6DH J . 7.65 -18.38 24.70
N 6DH J . 4.22 -18.16 23.30
C07 6DH J . 7.66 -17.14 25.36
C08 6DH J . 6.52 -16.33 25.29
C09 6DH J . 6.56 -18.85 23.97
C10 6DH J . 5.42 -16.77 24.55
C 6DH J . 5.46 -18.02 23.91
S SO4 K . -15.09 11.03 -15.10
O1 SO4 K . -14.56 11.47 -16.38
O2 SO4 K . -14.35 11.67 -14.01
O3 SO4 K . -14.96 9.58 -15.01
O4 SO4 K . -16.51 11.41 -15.03
S SO4 L . -10.61 1.05 7.45
O1 SO4 L . -9.15 0.93 7.52
O2 SO4 L . -10.95 2.45 7.26
O3 SO4 L . -11.09 0.25 6.33
O4 SO4 L . -11.21 0.56 8.67
S SO4 M . -14.57 21.48 -19.41
O1 SO4 M . -13.19 21.58 -18.98
O2 SO4 M . -15.23 22.78 -19.24
O3 SO4 M . -14.62 21.12 -20.83
O4 SO4 M . -15.24 20.45 -18.61
S SO4 N . -11.08 15.66 -5.70
O1 SO4 N . -10.37 14.45 -6.09
O2 SO4 N . -10.33 16.35 -4.65
O3 SO4 N . -11.21 16.53 -6.85
O4 SO4 N . -12.41 15.31 -5.19
S SO4 O . -23.22 12.95 7.15
O1 SO4 O . -22.44 11.75 6.83
O2 SO4 O . -22.41 13.85 7.97
O3 SO4 O . -23.59 13.63 5.90
O4 SO4 O . -24.42 12.56 7.87
F01 6DH P . -25.07 22.01 -1.60
F02 6DH P . -24.33 22.55 -3.58
F 6DH P . -23.85 20.60 -2.72
C01 6DH P . -24.05 21.89 -2.45
O 6DH P . -18.77 19.94 2.02
C02 6DH P . -17.84 20.72 1.36
C03 6DH P . -17.42 21.88 2.20
C04 6DH P . -18.49 22.92 2.35
N01 6DH P . -20.54 22.13 1.13
C05 6DH P . -19.47 22.93 1.22
C06 6DH P . -22.09 23.51 -2.44
N 6DH P . -19.41 23.78 0.14
C07 6DH P . -22.81 22.45 -1.83
C08 6DH P . -22.34 21.95 -0.62
C09 6DH P . -20.93 24.04 -1.88
C10 6DH P . -21.20 22.47 -0.05
C 6DH P . -20.50 23.51 -0.70
#